data_3QVZ
#
_entry.id   3QVZ
#
_cell.length_a   52.525
_cell.length_b   52.525
_cell.length_c   255.717
_cell.angle_alpha   90.00
_cell.angle_beta   90.00
_cell.angle_gamma   120.00
#
_symmetry.space_group_name_H-M   'P 61'
#
loop_
_entity.id
_entity.type
_entity.pdbx_description
1 polymer 'Cytochrome cb562'
2 non-polymer 'PROTOPORPHYRIN IX CONTAINING FE'
3 non-polymer "1,1'-ethane-1,2-diylbis(1H-pyrrole-2,5-dione)"
4 non-polymer 'ZINC ION'
5 non-polymer 'COPPER (II) ION'
6 water water
#
_entity_poly.entity_id   1
_entity_poly.type   'polypeptide(L)'
_entity_poly.pdbx_seq_one_letter_code
;ADLEDNMETLNDNLKVIEKADNAAQVKDALTKMAAAAADAWSATPPKLEDKSPDSPEMHDFRHGFWILIGQIHDALHLAN
ECKVKEAQAAAEQLKTTCNACHQKYR
;
_entity_poly.pdbx_strand_id   A,B,C,D
#
loop_
_chem_comp.id
_chem_comp.type
_chem_comp.name
_chem_comp.formula
CU non-polymer 'COPPER (II) ION' 'Cu 2'
HEM non-polymer 'PROTOPORPHYRIN IX CONTAINING FE' 'C34 H32 Fe N4 O4'
ME7 non-polymer 1,1'-ethane-1,2-diylbis(1H-pyrrole-2,5-dione) 'C10 H8 N2 O4'
ZN non-polymer 'ZINC ION' 'Zn 2'
#
# COMPACT_ATOMS: atom_id res chain seq x y z
N ALA A 1 -15.67 17.33 -8.70
CA ALA A 1 -16.71 17.99 -7.86
C ALA A 1 -16.13 18.73 -6.63
N ASP A 2 -16.94 19.54 -5.96
CA ASP A 2 -16.50 20.22 -4.72
C ASP A 2 -16.35 19.26 -3.50
N LEU A 3 -15.68 19.72 -2.45
CA LEU A 3 -15.29 18.88 -1.30
C LEU A 3 -16.47 18.27 -0.55
N GLU A 4 -17.44 19.10 -0.16
CA GLU A 4 -18.70 18.65 0.45
C GLU A 4 -19.46 17.66 -0.45
N ASP A 5 -19.42 17.89 -1.76
CA ASP A 5 -19.97 16.93 -2.72
C ASP A 5 -19.35 15.57 -2.60
N ASN A 6 -18.03 15.55 -2.64
CA ASN A 6 -17.25 14.30 -2.59
C ASN A 6 -17.49 13.56 -1.30
N MET A 7 -17.55 14.29 -0.20
CA MET A 7 -17.88 13.72 1.08
C MET A 7 -19.26 13.03 1.10
N GLU A 8 -20.29 13.65 0.48
CA GLU A 8 -21.61 13.02 0.34
C GLU A 8 -21.53 11.69 -0.42
N THR A 9 -20.82 11.71 -1.54
CA THR A 9 -20.59 10.53 -2.38
C THR A 9 -19.92 9.46 -1.55
N LEU A 10 -18.97 9.82 -0.75
CA LEU A 10 -18.40 8.87 0.14
C LEU A 10 -19.33 8.31 1.17
N ASN A 11 -20.09 9.17 1.80
CA ASN A 11 -21.02 8.74 2.82
C ASN A 11 -22.20 7.95 2.27
N ASP A 12 -22.80 8.44 1.17
CA ASP A 12 -23.90 7.74 0.50
C ASP A 12 -23.48 6.32 0.06
N ASN A 13 -22.30 6.20 -0.53
CA ASN A 13 -21.87 4.88 -1.00
C ASN A 13 -21.44 3.90 0.11
N LEU A 14 -20.92 4.43 1.21
CA LEU A 14 -20.72 3.65 2.41
C LEU A 14 -22.00 2.89 2.79
N LYS A 15 -23.11 3.58 2.78
CA LYS A 15 -24.36 2.99 3.05
C LYS A 15 -24.80 1.98 2.07
N VAL A 16 -24.71 2.33 0.84
CA VAL A 16 -25.01 1.39 -0.24
C VAL A 16 -24.28 0.08 -0.02
N ILE A 17 -23.05 0.15 0.46
CA ILE A 17 -22.26 -1.05 0.74
C ILE A 17 -22.77 -1.80 1.95
N GLU A 18 -23.06 -1.11 3.03
CA GLU A 18 -23.49 -1.76 4.25
C GLU A 18 -24.75 -2.55 3.93
N LYS A 19 -25.66 -1.96 3.16
CA LYS A 19 -26.91 -2.63 2.70
C LYS A 19 -26.78 -3.83 1.71
N ALA A 20 -25.82 -3.74 0.79
CA ALA A 20 -25.72 -4.48 -0.48
C ALA A 20 -25.76 -6.00 -0.43
N ASP A 21 -26.65 -6.56 -1.23
CA ASP A 21 -26.83 -8.01 -1.35
C ASP A 21 -25.75 -8.80 -2.12
N ASN A 22 -25.30 -8.25 -3.22
CA ASN A 22 -24.43 -8.96 -4.10
C ASN A 22 -23.22 -8.22 -4.52
N ALA A 23 -22.20 -8.92 -4.94
CA ALA A 23 -20.93 -8.30 -5.22
C ALA A 23 -20.98 -7.17 -6.24
N ALA A 24 -21.82 -7.28 -7.21
CA ALA A 24 -21.79 -6.25 -8.22
C ALA A 24 -22.06 -4.89 -7.67
N GLN A 25 -22.93 -4.82 -6.70
CA GLN A 25 -23.29 -3.59 -6.10
C GLN A 25 -22.20 -2.92 -5.32
N VAL A 26 -21.50 -3.72 -4.58
CA VAL A 26 -20.38 -3.31 -3.77
C VAL A 26 -19.27 -2.72 -4.67
N LYS A 27 -19.00 -3.36 -5.81
CA LYS A 27 -17.96 -2.89 -6.76
C LYS A 27 -18.27 -1.49 -7.18
N ASP A 28 -19.55 -1.23 -7.38
CA ASP A 28 -19.99 -0.01 -7.96
C ASP A 28 -19.77 1.12 -6.98
N ALA A 29 -20.10 0.87 -5.72
CA ALA A 29 -20.09 1.92 -4.72
C ALA A 29 -18.67 2.32 -4.44
N LEU A 30 -17.81 1.31 -4.36
CA LEU A 30 -16.38 1.52 -4.17
C LEU A 30 -15.76 2.27 -5.32
N THR A 31 -16.17 1.93 -6.54
CA THR A 31 -15.67 2.65 -7.70
C THR A 31 -16.01 4.12 -7.58
N LYS A 32 -17.22 4.42 -7.09
CA LYS A 32 -17.67 5.80 -6.99
C LYS A 32 -16.93 6.50 -5.89
N MET A 33 -16.73 5.81 -4.78
CA MET A 33 -15.92 6.34 -3.66
C MET A 33 -14.47 6.63 -4.07
N ALA A 34 -13.88 5.77 -4.89
CA ALA A 34 -12.48 5.97 -5.34
C ALA A 34 -12.36 7.26 -6.12
N ALA A 35 -13.23 7.41 -7.12
CA ALA A 35 -13.32 8.67 -7.90
C ALA A 35 -13.50 9.88 -7.00
N ALA A 36 -14.41 9.77 -6.05
CA ALA A 36 -14.62 10.86 -5.11
C ALA A 36 -13.34 11.19 -4.32
N ALA A 37 -12.67 10.17 -3.83
CA ALA A 37 -11.47 10.40 -3.01
C ALA A 37 -10.35 11.02 -3.85
N ALA A 38 -10.19 10.55 -5.09
CA ALA A 38 -9.20 11.08 -6.01
C ALA A 38 -9.49 12.55 -6.29
N ASP A 39 -10.76 12.90 -6.49
CA ASP A 39 -11.07 14.27 -6.88
C ASP A 39 -10.89 15.16 -5.66
N ALA A 40 -11.05 14.60 -4.47
CA ALA A 40 -10.98 15.38 -3.24
C ALA A 40 -9.57 15.84 -2.93
N TRP A 41 -8.61 15.23 -3.61
CA TRP A 41 -7.18 15.41 -3.39
C TRP A 41 -6.75 16.85 -3.40
N SER A 42 -7.17 17.56 -4.43
CA SER A 42 -6.77 18.92 -4.69
C SER A 42 -7.48 19.95 -3.81
N ALA A 43 -8.36 19.52 -2.90
CA ALA A 43 -9.23 20.46 -2.16
C ALA A 43 -8.51 21.06 -0.98
N THR A 44 -8.92 22.27 -0.63
CA THR A 44 -8.45 22.96 0.57
C THR A 44 -9.64 23.05 1.51
N PRO A 45 -9.50 22.50 2.73
CA PRO A 45 -10.58 22.51 3.71
C PRO A 45 -10.66 23.83 4.47
N PRO A 46 -11.89 24.31 4.74
CA PRO A 46 -12.09 25.63 5.34
C PRO A 46 -11.09 25.92 6.46
N LYS A 47 -10.99 25.01 7.43
CA LYS A 47 -10.09 25.21 8.58
C LYS A 47 -8.65 25.62 8.20
N LEU A 48 -8.24 25.33 6.97
CA LEU A 48 -6.91 25.68 6.46
C LEU A 48 -6.97 26.59 5.22
N GLU A 49 -7.97 27.46 5.16
CA GLU A 49 -8.19 28.26 3.98
C GLU A 49 -7.04 29.16 3.66
N ASP A 50 -6.41 29.70 4.69
CA ASP A 50 -5.28 30.56 4.48
C ASP A 50 -4.06 29.91 3.97
N LYS A 51 -3.63 28.84 4.68
CA LYS A 51 -2.25 28.22 4.51
C LYS A 51 -2.00 27.82 3.10
N SER A 52 -0.72 27.96 2.77
CA SER A 52 -0.26 27.64 1.47
C SER A 52 -0.33 26.15 1.31
N PRO A 53 -0.21 25.66 0.09
CA PRO A 53 -0.31 24.22 -0.11
C PRO A 53 0.84 23.47 0.48
N ASP A 54 1.76 24.19 1.06
CA ASP A 54 2.97 23.60 1.50
C ASP A 54 3.22 23.50 2.96
N SER A 55 2.31 24.00 3.70
CA SER A 55 2.21 23.78 5.14
C SER A 55 2.20 22.26 5.45
N PRO A 56 2.81 21.89 6.58
CA PRO A 56 2.90 20.49 7.03
C PRO A 56 1.36 20.04 7.21
N GLU A 57 0.46 21.02 7.32
CA GLU A 57 -0.96 20.82 7.52
C GLU A 57 -1.67 20.44 6.22
N MET A 58 -1.30 21.07 5.11
CA MET A 58 -1.81 20.62 3.81
C MET A 58 -1.21 19.26 3.46
N HIS A 59 0.11 19.13 3.61
CA HIS A 59 0.76 17.82 3.44
C HIS A 59 0.04 16.75 4.28
N ASP A 60 -0.27 17.03 5.54
CA ASP A 60 -0.92 16.02 6.39
C ASP A 60 -2.36 15.82 5.99
N PHE A 61 -3.01 16.88 5.52
CA PHE A 61 -4.40 16.76 5.08
C PHE A 61 -4.46 15.75 3.96
N ARG A 62 -3.70 15.99 2.89
CA ARG A 62 -3.68 15.12 1.73
C ARG A 62 -3.26 13.67 2.05
N HIS A 63 -2.39 13.51 3.06
CA HIS A 63 -1.94 12.20 3.48
C HIS A 63 -3.09 11.23 3.82
N GLY A 64 -4.10 11.74 4.52
CA GLY A 64 -5.29 10.99 4.89
C GLY A 64 -6.02 10.47 3.68
N PHE A 65 -5.92 11.19 2.57
CA PHE A 65 -6.53 10.70 1.34
C PHE A 65 -5.80 9.53 0.69
N TRP A 66 -4.46 9.52 0.75
CA TRP A 66 -3.73 8.37 0.25
C TRP A 66 -4.14 7.15 1.05
N ILE A 67 -4.28 7.30 2.38
CA ILE A 67 -4.70 6.19 3.20
C ILE A 67 -6.04 5.69 2.73
N LEU A 68 -6.98 6.60 2.57
CA LEU A 68 -8.31 6.24 2.16
C LEU A 68 -8.29 5.49 0.84
N ILE A 69 -7.61 6.07 -0.15
CA ILE A 69 -7.54 5.53 -1.49
C ILE A 69 -6.94 4.12 -1.45
N GLY A 70 -5.84 3.97 -0.71
CA GLY A 70 -5.25 2.65 -0.49
C GLY A 70 -6.27 1.63 0.01
N GLN A 71 -7.04 2.01 1.00
CA GLN A 71 -8.06 1.11 1.53
C GLN A 71 -9.25 0.86 0.57
N ILE A 72 -9.65 1.85 -0.24
CA ILE A 72 -10.72 1.62 -1.22
C ILE A 72 -10.19 0.66 -2.26
N HIS A 73 -8.98 0.94 -2.73
CA HIS A 73 -8.22 0.06 -3.66
C HIS A 73 -8.35 -1.36 -3.20
N ASP A 74 -7.94 -1.64 -1.95
CA ASP A 74 -7.96 -3.01 -1.46
C ASP A 74 -9.34 -3.63 -1.29
N ALA A 75 -10.31 -2.84 -0.85
CA ALA A 75 -11.65 -3.33 -0.60
C ALA A 75 -12.24 -3.82 -1.91
N LEU A 76 -11.98 -3.05 -2.96
CA LEU A 76 -12.42 -3.43 -4.30
C LEU A 76 -11.84 -4.75 -4.81
N HIS A 77 -10.58 -5.05 -4.51
CA HIS A 77 -10.01 -6.36 -4.87
C HIS A 77 -10.85 -7.43 -4.20
N LEU A 78 -11.26 -7.19 -2.95
CA LEU A 78 -12.06 -8.18 -2.25
C LEU A 78 -13.39 -8.41 -2.98
N ALA A 79 -14.02 -7.33 -3.39
CA ALA A 79 -15.26 -7.40 -4.13
C ALA A 79 -15.10 -8.18 -5.43
N ASN A 80 -14.02 -7.94 -6.17
CA ASN A 80 -13.80 -8.65 -7.46
C ASN A 80 -13.63 -10.14 -7.27
N GLU A 81 -13.29 -10.51 -6.06
CA GLU A 81 -13.00 -11.83 -5.66
C GLU A 81 -14.21 -12.49 -5.12
N CYS A 82 -15.37 -11.70 -5.04
CA CYS A 82 -16.61 -12.39 -4.85
C CYS A 82 -16.92 -12.73 -3.44
N LYS A 83 -16.02 -12.19 -2.61
CA LYS A 83 -16.05 -12.09 -1.17
C LYS A 83 -16.73 -10.78 -0.94
N VAL A 84 -18.03 -10.89 -0.73
CA VAL A 84 -18.94 -9.80 -0.44
C VAL A 84 -18.80 -9.30 0.99
N LYS A 85 -18.88 -10.20 1.96
CA LYS A 85 -18.80 -9.83 3.37
C LYS A 85 -17.47 -9.24 3.78
N GLU A 86 -16.38 -9.84 3.32
CA GLU A 86 -15.05 -9.30 3.59
C GLU A 86 -14.94 -7.88 3.02
N ALA A 87 -15.53 -7.64 1.86
CA ALA A 87 -15.47 -6.29 1.29
C ALA A 87 -16.30 -5.31 2.11
N GLN A 88 -17.42 -5.76 2.63
CA GLN A 88 -18.25 -4.95 3.45
C GLN A 88 -17.56 -4.53 4.70
N ALA A 89 -16.79 -5.41 5.27
CA ALA A 89 -16.04 -5.17 6.49
C ALA A 89 -14.86 -4.24 6.22
N ALA A 90 -14.18 -4.43 5.09
CA ALA A 90 -13.14 -3.46 4.71
C ALA A 90 -13.77 -2.07 4.63
N ALA A 91 -14.98 -1.98 4.10
CA ALA A 91 -15.63 -0.69 3.98
C ALA A 91 -15.90 -0.09 5.38
N GLU A 92 -16.40 -0.86 6.31
CA GLU A 92 -16.63 -0.39 7.62
C GLU A 92 -15.39 0.04 8.33
N GLN A 93 -14.33 -0.66 8.16
CA GLN A 93 -13.11 -0.28 8.75
C GLN A 93 -12.52 0.98 8.21
N LEU A 94 -12.96 1.45 7.07
CA LEU A 94 -12.58 2.76 6.53
C LEU A 94 -12.98 3.88 7.44
N LYS A 95 -13.99 3.70 8.22
CA LYS A 95 -14.52 4.79 9.00
C LYS A 95 -13.45 5.34 9.88
N THR A 96 -12.64 4.47 10.37
CA THR A 96 -11.49 4.88 11.16
C THR A 96 -10.70 6.02 10.48
N THR A 97 -10.50 5.92 9.16
CA THR A 97 -9.83 6.97 8.40
C THR A 97 -10.67 8.22 8.23
N CYS A 98 -11.97 8.05 7.98
CA CYS A 98 -12.88 9.19 7.87
C CYS A 98 -12.81 9.97 9.14
N ASN A 99 -13.05 9.29 10.26
CA ASN A 99 -13.10 9.91 11.57
C ASN A 99 -11.78 10.58 11.89
N ALA A 100 -10.68 9.97 11.50
CA ALA A 100 -9.38 10.48 11.88
C ALA A 100 -9.22 11.83 11.25
N CYS A 101 -9.64 11.96 10.00
CA CYS A 101 -9.40 13.20 9.32
C CYS A 101 -10.38 14.25 9.83
N HIS A 102 -11.63 13.85 10.04
CA HIS A 102 -12.62 14.78 10.52
C HIS A 102 -12.25 15.39 11.87
N GLN A 103 -11.68 14.60 12.77
CA GLN A 103 -11.33 15.10 14.10
C GLN A 103 -10.23 16.13 14.07
N LYS A 104 -9.43 16.11 13.02
CA LYS A 104 -8.32 17.00 12.91
C LYS A 104 -8.68 18.23 12.09
N TYR A 105 -9.39 18.03 11.00
CA TYR A 105 -9.57 19.03 9.97
C TYR A 105 -10.97 19.52 9.61
N ARG A 106 -12.01 18.83 10.07
CA ARG A 106 -13.40 19.23 9.76
C ARG A 106 -13.81 20.44 10.59
N ALA B 1 9.39 -16.31 16.31
CA ALA B 1 8.68 -16.75 17.56
C ALA B 1 7.25 -17.33 17.31
N ASP B 2 6.63 -17.90 18.35
CA ASP B 2 5.27 -18.46 18.22
C ASP B 2 4.18 -17.36 18.08
N LEU B 3 2.97 -17.74 17.63
CA LEU B 3 1.88 -16.78 17.42
C LEU B 3 1.34 -15.95 18.58
N GLU B 4 1.08 -16.57 19.72
CA GLU B 4 0.73 -15.87 20.95
C GLU B 4 1.88 -14.93 21.38
N ASP B 5 3.12 -15.39 21.21
CA ASP B 5 4.30 -14.57 21.48
C ASP B 5 4.26 -13.26 20.70
N ASN B 6 4.06 -13.40 19.40
CA ASN B 6 4.05 -12.29 18.49
C ASN B 6 2.90 -11.33 18.82
N MET B 7 1.74 -11.89 19.13
CA MET B 7 0.62 -11.09 19.57
C MET B 7 0.93 -10.22 20.82
N GLU B 8 1.69 -10.78 21.78
CA GLU B 8 2.13 -10.03 22.97
C GLU B 8 3.01 -8.84 22.59
N THR B 9 4.00 -9.10 21.73
CA THR B 9 4.88 -8.08 21.23
C THR B 9 4.06 -6.97 20.54
N LEU B 10 3.06 -7.36 19.77
CA LEU B 10 2.21 -6.41 19.12
C LEU B 10 1.48 -5.56 20.14
N ASN B 11 0.82 -6.20 21.05
CA ASN B 11 0.09 -5.55 22.09
C ASN B 11 0.90 -4.74 23.12
N ASP B 12 2.06 -5.23 23.57
CA ASP B 12 3.01 -4.52 24.44
C ASP B 12 3.49 -3.23 23.78
N ASN B 13 3.87 -3.32 22.52
CA ASN B 13 4.44 -2.16 21.87
C ASN B 13 3.41 -1.08 21.48
N LEU B 14 2.18 -1.49 21.31
CA LEU B 14 1.14 -0.57 21.09
C LEU B 14 1.00 0.32 22.28
N LYS B 15 1.05 -0.22 23.50
CA LYS B 15 1.07 0.56 24.74
C LYS B 15 2.30 1.46 24.84
N VAL B 16 3.46 0.92 24.49
CA VAL B 16 4.69 1.71 24.53
C VAL B 16 4.51 2.96 23.69
N ILE B 17 3.79 2.81 22.59
CA ILE B 17 3.60 3.90 21.67
C ILE B 17 2.60 4.90 22.24
N GLU B 18 1.61 4.38 22.88
CA GLU B 18 0.52 5.13 23.41
C GLU B 18 1.06 6.16 24.36
N LYS B 19 2.04 5.78 25.15
CA LYS B 19 2.60 6.57 26.23
C LYS B 19 3.94 7.25 25.91
N ALA B 20 4.51 6.98 24.73
CA ALA B 20 5.86 7.48 24.44
C ALA B 20 5.95 9.00 24.39
N ASP B 21 7.16 9.52 24.63
CA ASP B 21 7.44 10.96 24.58
C ASP B 21 7.88 11.48 23.22
N ASN B 22 8.88 10.79 22.66
CA ASN B 22 9.64 11.30 21.53
C ASN B 22 9.77 10.28 20.41
N ALA B 23 10.09 10.79 19.22
CA ALA B 23 10.26 10.00 18.01
C ALA B 23 10.96 8.66 18.22
N ALA B 24 12.13 8.70 18.85
CA ALA B 24 12.97 7.52 18.98
C ALA B 24 12.27 6.30 19.59
N GLN B 25 11.48 6.53 20.59
CA GLN B 25 10.80 5.44 21.22
C GLN B 25 9.71 4.82 20.39
N VAL B 26 8.98 5.65 19.68
CA VAL B 26 7.95 5.22 18.76
C VAL B 26 8.56 4.38 17.63
N LYS B 27 9.69 4.82 17.09
CA LYS B 27 10.35 4.10 16.00
C LYS B 27 10.65 2.67 16.44
N ASP B 28 11.06 2.56 17.69
CA ASP B 28 11.56 1.31 18.21
C ASP B 28 10.46 0.28 18.37
N ALA B 29 9.30 0.74 18.84
CA ALA B 29 8.17 -0.13 19.12
C ALA B 29 7.56 -0.62 17.81
N LEU B 30 7.49 0.25 16.85
CA LEU B 30 7.01 -0.07 15.55
C LEU B 30 7.90 -1.06 14.88
N THR B 31 9.19 -0.84 14.96
CA THR B 31 10.17 -1.77 14.42
C THR B 31 9.93 -3.16 15.00
N LYS B 32 9.64 -3.22 16.29
CA LYS B 32 9.47 -4.49 16.97
C LYS B 32 8.16 -5.13 16.57
N MET B 33 7.15 -4.30 16.44
CA MET B 33 5.85 -4.66 15.89
C MET B 33 5.90 -5.15 14.44
N ALA B 34 6.77 -4.56 13.63
CA ALA B 34 6.98 -4.98 12.24
C ALA B 34 7.52 -6.40 12.18
N ALA B 35 8.64 -6.63 12.87
CA ALA B 35 9.23 -7.95 12.97
C ALA B 35 8.19 -8.95 13.45
N ALA B 36 7.43 -8.61 14.49
CA ALA B 36 6.44 -9.53 14.99
C ALA B 36 5.37 -9.89 13.96
N ALA B 37 4.84 -8.92 13.26
CA ALA B 37 3.88 -9.23 12.20
C ALA B 37 4.48 -10.06 11.06
N ALA B 38 5.73 -9.80 10.69
CA ALA B 38 6.37 -10.58 9.64
C ALA B 38 6.53 -12.04 10.10
N ASP B 39 7.01 -12.27 11.32
CA ASP B 39 7.15 -13.67 11.73
C ASP B 39 5.78 -14.32 11.78
N ALA B 40 4.77 -13.55 12.19
CA ALA B 40 3.46 -14.13 12.43
C ALA B 40 2.85 -14.71 11.15
N TRP B 41 3.48 -14.44 10.02
CA TRP B 41 2.91 -14.75 8.74
C TRP B 41 2.67 -16.20 8.52
N SER B 42 3.64 -16.96 8.89
CA SER B 42 3.66 -18.38 8.60
C SER B 42 2.77 -19.17 9.55
N ALA B 43 2.11 -18.49 10.50
CA ALA B 43 1.44 -19.20 11.60
C ALA B 43 0.06 -19.73 11.22
N THR B 44 -0.32 -20.86 11.83
CA THR B 44 -1.69 -21.36 11.73
C THR B 44 -2.47 -21.21 13.03
N PRO B 45 -3.54 -20.46 12.99
CA PRO B 45 -4.32 -20.18 14.18
C PRO B 45 -5.19 -21.37 14.56
N PRO B 46 -5.29 -21.68 15.86
CA PRO B 46 -6.03 -22.86 16.36
C PRO B 46 -7.36 -23.10 15.63
N LYS B 47 -8.17 -22.07 15.50
CA LYS B 47 -9.48 -22.20 14.86
C LYS B 47 -9.43 -22.79 13.44
N LEU B 48 -8.27 -22.74 12.80
CA LEU B 48 -8.06 -23.35 11.48
C LEU B 48 -6.96 -24.42 11.50
N GLU B 49 -6.79 -25.13 12.60
CA GLU B 49 -5.77 -26.13 12.67
C GLU B 49 -6.08 -27.15 11.59
N ASP B 50 -7.34 -27.45 11.36
CA ASP B 50 -7.53 -28.38 10.28
C ASP B 50 -7.23 -27.92 8.88
N LYS B 51 -7.68 -26.76 8.44
CA LYS B 51 -7.59 -26.52 7.02
C LYS B 51 -6.17 -26.43 6.52
N SER B 52 -5.94 -26.87 5.31
CA SER B 52 -4.63 -26.84 4.67
C SER B 52 -4.19 -25.39 4.46
N PRO B 53 -2.89 -25.15 4.17
CA PRO B 53 -2.40 -23.76 3.93
C PRO B 53 -2.86 -23.18 2.57
N ASP B 54 -4.05 -23.61 2.12
CA ASP B 54 -4.67 -23.13 0.87
C ASP B 54 -6.14 -22.74 0.91
N SER B 55 -6.81 -23.14 1.96
CA SER B 55 -8.21 -22.90 2.08
C SER B 55 -8.38 -21.34 2.11
N PRO B 56 -9.43 -20.85 1.47
CA PRO B 56 -9.78 -19.42 1.38
C PRO B 56 -9.62 -18.72 2.73
N GLU B 57 -9.55 -19.55 3.76
CA GLU B 57 -9.54 -19.16 5.16
C GLU B 57 -8.11 -18.91 5.63
N MET B 58 -7.19 -19.73 5.18
CA MET B 58 -5.80 -19.42 5.31
C MET B 58 -5.34 -18.24 4.50
N HIS B 59 -5.71 -18.17 3.24
CA HIS B 59 -5.47 -17.00 2.38
C HIS B 59 -6.03 -15.76 3.05
N ASP B 60 -7.25 -15.76 3.53
CA ASP B 60 -7.78 -14.63 4.28
C ASP B 60 -7.16 -14.35 5.59
N PHE B 61 -6.78 -15.36 6.28
CA PHE B 61 -6.04 -15.14 7.51
C PHE B 61 -4.78 -14.31 7.23
N ARG B 62 -3.98 -14.76 6.33
CA ARG B 62 -2.79 -14.06 6.05
C ARG B 62 -3.00 -12.73 5.41
N HIS B 63 -4.11 -12.49 4.81
CA HIS B 63 -4.39 -11.19 4.24
C HIS B 63 -4.38 -10.05 5.26
N GLY B 64 -4.91 -10.35 6.43
CA GLY B 64 -5.00 -9.40 7.51
C GLY B 64 -3.64 -8.95 7.94
N PHE B 65 -2.64 -9.82 7.79
CA PHE B 65 -1.28 -9.44 8.11
C PHE B 65 -0.64 -8.51 7.06
N TRP B 66 -0.97 -8.66 5.80
CA TRP B 66 -0.45 -7.70 4.86
C TRP B 66 -1.00 -6.34 5.25
N ILE B 67 -2.27 -6.29 5.65
CA ILE B 67 -2.84 -5.01 6.01
C ILE B 67 -2.04 -4.41 7.16
N LEU B 68 -1.79 -5.17 8.17
CA LEU B 68 -1.09 -4.66 9.27
C LEU B 68 0.31 -4.23 9.03
N ILE B 69 1.06 -5.01 8.31
CA ILE B 69 2.41 -4.67 7.91
C ILE B 69 2.43 -3.36 7.10
N GLY B 70 1.52 -3.23 6.14
CA GLY B 70 1.42 -1.99 5.39
C GLY B 70 1.22 -0.81 6.36
N GLN B 71 0.30 -1.00 7.29
CA GLN B 71 0.02 0.08 8.23
C GLN B 71 1.20 0.38 9.18
N ILE B 72 1.95 -0.64 9.60
CA ILE B 72 3.12 -0.40 10.47
C ILE B 72 4.18 0.35 9.65
N HIS B 73 4.44 -0.16 8.45
CA HIS B 73 5.29 0.48 7.43
C HIS B 73 5.03 1.97 7.39
N ASP B 74 3.78 2.39 7.27
CA ASP B 74 3.46 3.80 7.12
C ASP B 74 3.57 4.61 8.41
N ALA B 75 3.18 4.03 9.53
CA ALA B 75 3.31 4.76 10.80
C ALA B 75 4.78 5.07 11.04
N LEU B 76 5.64 4.12 10.74
CA LEU B 76 7.06 4.32 10.94
C LEU B 76 7.64 5.45 10.09
N HIS B 77 7.21 5.60 8.83
CA HIS B 77 7.61 6.77 8.05
C HIS B 77 7.24 8.02 8.83
N LEU B 78 6.07 8.03 9.45
CA LEU B 78 5.61 9.22 10.17
C LEU B 78 6.57 9.52 11.31
N ALA B 79 6.92 8.49 12.07
CA ALA B 79 7.91 8.60 13.13
C ALA B 79 9.25 9.14 12.63
N ASN B 80 9.72 8.75 11.48
CA ASN B 80 10.93 9.33 10.97
C ASN B 80 10.87 10.82 10.61
N GLU B 81 9.70 11.38 10.41
CA GLU B 81 9.58 12.73 9.99
C GLU B 81 9.36 13.63 11.21
N CYS B 82 9.58 13.04 12.37
CA CYS B 82 9.46 13.71 13.67
C CYS B 82 8.05 14.16 13.95
N LYS B 83 7.09 13.54 13.32
CA LYS B 83 5.70 13.76 13.64
C LYS B 83 5.14 12.72 14.55
N VAL B 84 5.43 12.82 15.82
CA VAL B 84 5.12 11.87 16.82
C VAL B 84 3.70 11.61 17.10
N LYS B 85 2.91 12.63 17.13
CA LYS B 85 1.50 12.47 17.40
C LYS B 85 0.81 11.79 16.24
N GLU B 86 1.19 12.15 15.04
CA GLU B 86 0.67 11.53 13.85
C GLU B 86 0.93 10.08 13.86
N ALA B 87 2.11 9.73 14.30
CA ALA B 87 2.47 8.31 14.36
C ALA B 87 1.69 7.54 15.42
N GLN B 88 1.47 8.09 16.58
CA GLN B 88 0.65 7.40 17.55
C GLN B 88 -0.75 7.23 17.15
N ALA B 89 -1.28 8.15 16.38
CA ALA B 89 -2.65 8.02 15.92
C ALA B 89 -2.73 6.95 14.84
N ALA B 90 -1.70 6.86 13.98
CA ALA B 90 -1.64 5.74 13.03
C ALA B 90 -1.62 4.44 13.82
N ALA B 91 -0.89 4.47 14.94
CA ALA B 91 -0.81 3.30 15.77
C ALA B 91 -2.18 2.96 16.34
N GLU B 92 -2.88 3.94 16.84
CA GLU B 92 -4.19 3.69 17.34
C GLU B 92 -5.17 3.22 16.33
N GLN B 93 -5.07 3.71 15.13
CA GLN B 93 -5.87 3.26 14.05
C GLN B 93 -5.64 1.81 13.60
N LEU B 94 -4.65 1.08 13.88
CA LEU B 94 -4.23 -0.26 13.56
C LEU B 94 -5.15 -1.26 14.11
N LYS B 95 -5.68 -0.81 15.27
CA LYS B 95 -6.43 -1.68 16.17
C LYS B 95 -7.59 -2.15 15.40
N THR B 96 -8.20 -1.31 14.62
CA THR B 96 -9.26 -1.62 13.68
C THR B 96 -8.95 -2.89 12.85
N THR B 97 -7.63 -3.09 12.50
CA THR B 97 -7.11 -4.34 11.89
C THR B 97 -6.99 -5.49 12.88
N CYS B 98 -6.46 -5.22 14.07
CA CYS B 98 -6.31 -6.23 15.11
C CYS B 98 -7.66 -6.84 15.40
N ASN B 99 -8.60 -5.97 15.76
CA ASN B 99 -9.95 -6.37 16.06
C ASN B 99 -10.61 -7.12 14.92
N ALA B 100 -10.31 -6.73 13.68
CA ALA B 100 -10.99 -7.34 12.54
C ALA B 100 -10.59 -8.80 12.43
N CYS B 101 -9.31 -9.06 12.64
CA CYS B 101 -8.82 -10.42 12.51
C CYS B 101 -9.34 -11.26 13.68
N HIS B 102 -9.23 -10.70 14.89
CA HIS B 102 -9.64 -11.37 16.10
C HIS B 102 -11.10 -11.83 16.04
N GLN B 103 -11.99 -11.07 15.48
CA GLN B 103 -13.35 -11.51 15.53
C GLN B 103 -13.76 -12.41 14.44
N LYS B 104 -12.84 -12.70 13.59
CA LYS B 104 -13.04 -13.75 12.62
C LYS B 104 -12.33 -15.05 13.03
N TYR B 105 -11.14 -14.92 13.58
CA TYR B 105 -10.19 -16.04 13.65
C TYR B 105 -9.70 -16.44 15.05
N ARG B 106 -9.81 -15.53 16.00
CA ARG B 106 -9.49 -15.83 17.39
C ARG B 106 -10.58 -16.65 18.08
N ALA C 1 13.35 -19.93 7.16
CA ALA C 1 14.65 -20.29 6.47
C ALA C 1 15.75 -19.18 6.38
N ASP C 2 16.95 -19.56 5.95
CA ASP C 2 18.04 -18.58 5.77
C ASP C 2 17.87 -17.62 4.55
N LEU C 3 18.65 -16.55 4.50
CA LEU C 3 18.49 -15.49 3.48
C LEU C 3 18.65 -15.98 2.03
N GLU C 4 19.77 -16.62 1.75
CA GLU C 4 20.03 -17.24 0.45
C GLU C 4 18.95 -18.26 0.07
N ASP C 5 18.39 -18.97 1.04
CA ASP C 5 17.24 -19.87 0.81
C ASP C 5 16.04 -19.13 0.32
N ASN C 6 15.69 -18.08 1.04
CA ASN C 6 14.52 -17.26 0.72
C ASN C 6 14.63 -16.62 -0.65
N MET C 7 15.85 -16.18 -0.97
CA MET C 7 16.12 -15.62 -2.29
C MET C 7 15.87 -16.62 -3.43
N GLU C 8 16.29 -17.87 -3.22
CA GLU C 8 16.09 -18.96 -4.18
C GLU C 8 14.60 -19.23 -4.39
N THR C 9 13.84 -19.24 -3.29
CA THR C 9 12.40 -19.40 -3.33
C THR C 9 11.77 -18.26 -4.13
N LEU C 10 12.19 -17.03 -3.85
CA LEU C 10 11.78 -15.90 -4.67
C LEU C 10 12.10 -16.09 -6.15
N ASN C 11 13.33 -16.49 -6.45
CA ASN C 11 13.75 -16.67 -7.84
C ASN C 11 13.11 -17.84 -8.55
N ASP C 12 13.02 -18.99 -7.89
CA ASP C 12 12.36 -20.16 -8.43
C ASP C 12 10.88 -19.89 -8.75
N ASN C 13 10.19 -19.21 -7.85
CA ASN C 13 8.79 -18.99 -8.08
C ASN C 13 8.46 -17.90 -9.13
N LEU C 14 9.33 -16.90 -9.25
CA LEU C 14 9.25 -15.97 -10.35
C LEU C 14 9.16 -16.75 -11.67
N LYS C 15 10.03 -17.69 -11.87
CA LYS C 15 9.97 -18.49 -13.05
C LYS C 15 8.75 -19.34 -13.22
N VAL C 16 8.37 -20.04 -12.21
CA VAL C 16 7.09 -20.74 -12.20
C VAL C 16 5.96 -19.83 -12.66
N ILE C 17 6.02 -18.56 -12.28
CA ILE C 17 4.99 -17.59 -12.71
C ILE C 17 5.12 -17.20 -14.17
N GLU C 18 6.33 -16.87 -14.58
CA GLU C 18 6.61 -16.60 -15.99
C GLU C 18 5.94 -17.61 -16.92
N LYS C 19 6.03 -18.90 -16.57
CA LYS C 19 5.64 -19.99 -17.47
C LYS C 19 4.28 -20.60 -17.18
N ALA C 20 3.62 -20.18 -16.11
CA ALA C 20 2.37 -20.81 -15.69
C ALA C 20 1.24 -20.69 -16.73
N ASP C 21 0.29 -21.63 -16.66
CA ASP C 21 -0.88 -21.63 -17.55
C ASP C 21 -2.07 -20.89 -16.95
N ASN C 22 -2.36 -21.24 -15.72
CA ASN C 22 -3.62 -21.01 -15.11
C ASN C 22 -3.46 -20.41 -13.76
N ALA C 23 -4.50 -19.81 -13.26
CA ALA C 23 -4.46 -18.98 -12.12
C ALA C 23 -3.95 -19.75 -10.96
N ALA C 24 -4.28 -21.00 -10.89
CA ALA C 24 -3.97 -21.74 -9.70
C ALA C 24 -2.53 -21.80 -9.46
N GLN C 25 -1.77 -21.92 -10.52
CA GLN C 25 -0.35 -22.02 -10.39
C GLN C 25 0.29 -20.76 -9.91
N VAL C 26 -0.16 -19.68 -10.46
CA VAL C 26 0.30 -18.35 -10.13
C VAL C 26 0.02 -18.02 -8.64
N LYS C 27 -1.17 -18.36 -8.15
CA LYS C 27 -1.53 -18.14 -6.74
C LYS C 27 -0.53 -18.81 -5.83
N ASP C 28 -0.13 -19.98 -6.21
CA ASP C 28 0.70 -20.77 -5.43
C ASP C 28 2.12 -20.31 -5.28
N ALA C 29 2.66 -19.85 -6.39
CA ALA C 29 4.02 -19.33 -6.40
C ALA C 29 4.09 -18.00 -5.63
N LEU C 30 3.08 -17.19 -5.78
CA LEU C 30 2.98 -15.97 -5.07
C LEU C 30 2.87 -16.17 -3.61
N THR C 31 2.11 -17.14 -3.19
CA THR C 31 1.94 -17.49 -1.78
C THR C 31 3.32 -17.88 -1.20
N LYS C 32 4.11 -18.61 -1.90
CA LYS C 32 5.40 -18.97 -1.46
C LYS C 32 6.39 -17.87 -1.44
N MET C 33 6.29 -17.02 -2.39
CA MET C 33 7.13 -15.82 -2.40
C MET C 33 6.80 -14.94 -1.22
N ALA C 34 5.50 -14.84 -0.89
CA ALA C 34 5.04 -14.00 0.22
C ALA C 34 5.69 -14.46 1.54
N ALA C 35 5.57 -15.77 1.80
CA ALA C 35 6.18 -16.38 3.00
C ALA C 35 7.68 -16.14 2.97
N ALA C 36 8.28 -16.37 1.82
CA ALA C 36 9.73 -16.14 1.73
C ALA C 36 10.11 -14.67 2.06
N ALA C 37 9.39 -13.70 1.50
CA ALA C 37 9.72 -12.30 1.77
C ALA C 37 9.48 -11.94 3.24
N ALA C 38 8.36 -12.40 3.82
CA ALA C 38 8.11 -12.24 5.25
C ALA C 38 9.24 -12.85 6.09
N ASP C 39 9.69 -14.07 5.76
CA ASP C 39 10.73 -14.71 6.60
C ASP C 39 12.06 -13.98 6.45
N ALA C 40 12.28 -13.37 5.29
CA ALA C 40 13.52 -12.63 4.99
C ALA C 40 13.68 -11.36 5.81
N TRP C 41 12.64 -10.93 6.46
CA TRP C 41 12.57 -9.65 7.11
C TRP C 41 13.61 -9.48 8.22
N SER C 42 13.77 -10.53 8.97
CA SER C 42 14.65 -10.63 10.07
C SER C 42 16.15 -10.70 9.78
N ALA C 43 16.52 -10.94 8.55
CA ALA C 43 17.88 -11.24 8.21
C ALA C 43 18.73 -10.09 8.24
N THR C 44 20.02 -10.36 8.33
CA THR C 44 21.09 -9.38 8.19
C THR C 44 21.95 -9.81 7.01
N PRO C 45 22.07 -8.93 5.99
CA PRO C 45 22.87 -9.25 4.81
C PRO C 45 24.38 -9.05 5.04
N PRO C 46 25.21 -9.97 4.52
CA PRO C 46 26.67 -9.93 4.75
C PRO C 46 27.25 -8.52 4.73
N LYS C 47 27.01 -7.77 3.65
CA LYS C 47 27.51 -6.40 3.52
C LYS C 47 27.29 -5.48 4.75
N LEU C 48 26.39 -5.84 5.62
CA LEU C 48 26.22 -5.06 6.82
C LEU C 48 26.15 -5.93 8.01
N GLU C 49 27.03 -6.93 8.03
CA GLU C 49 27.06 -7.98 9.02
C GLU C 49 27.31 -7.40 10.37
N ASP C 50 28.19 -6.41 10.40
CA ASP C 50 28.59 -5.73 11.62
C ASP C 50 27.55 -4.82 12.29
N LYS C 51 26.79 -4.12 11.47
CA LYS C 51 26.06 -2.95 11.90
C LYS C 51 24.94 -3.40 12.68
N SER C 52 24.38 -2.47 13.40
CA SER C 52 23.33 -2.87 14.29
C SER C 52 22.00 -2.78 13.69
N PRO C 53 21.09 -3.48 14.34
CA PRO C 53 19.75 -3.51 13.72
C PRO C 53 19.02 -2.16 13.80
N ASP C 54 19.76 -1.06 13.63
CA ASP C 54 19.26 0.29 13.81
C ASP C 54 19.88 1.29 12.86
N SER C 55 20.98 0.89 12.25
CA SER C 55 21.60 1.67 11.20
C SER C 55 20.51 2.14 10.24
N PRO C 56 20.64 3.36 9.69
CA PRO C 56 19.78 3.83 8.58
C PRO C 56 19.81 2.80 7.46
N GLU C 57 20.87 1.99 7.49
CA GLU C 57 21.15 0.97 6.50
C GLU C 57 20.33 -0.30 6.74
N MET C 58 20.18 -0.73 7.99
CA MET C 58 19.24 -1.81 8.31
C MET C 58 17.80 -1.35 8.08
N HIS C 59 17.46 -0.14 8.50
CA HIS C 59 16.15 0.40 8.26
C HIS C 59 15.89 0.54 6.79
N ASP C 60 16.85 0.95 6.01
CA ASP C 60 16.64 0.99 4.56
C ASP C 60 16.62 -0.42 3.91
N PHE C 61 17.39 -1.35 4.48
CA PHE C 61 17.41 -2.74 3.99
C PHE C 61 16.03 -3.35 4.10
N ARG C 62 15.46 -3.29 5.27
CA ARG C 62 14.18 -3.83 5.56
C ARG C 62 13.03 -3.15 4.79
N HIS C 63 13.20 -1.89 4.44
CA HIS C 63 12.23 -1.14 3.65
C HIS C 63 11.88 -1.75 2.29
N GLY C 64 12.92 -2.25 1.61
CA GLY C 64 12.77 -2.89 0.33
C GLY C 64 11.91 -4.12 0.41
N PHE C 65 11.88 -4.74 1.59
CA PHE C 65 11.01 -5.90 1.78
C PHE C 65 9.55 -5.55 1.98
N TRP C 66 9.26 -4.40 2.60
CA TRP C 66 7.90 -3.91 2.63
C TRP C 66 7.44 -3.66 1.21
N ILE C 67 8.31 -3.11 0.37
CA ILE C 67 7.89 -2.82 -0.98
C ILE C 67 7.52 -4.15 -1.68
N LEU C 68 8.40 -5.12 -1.50
CA LEU C 68 8.20 -6.42 -2.14
C LEU C 68 6.89 -7.05 -1.73
N ILE C 69 6.61 -7.07 -0.46
CA ILE C 69 5.43 -7.67 0.08
C ILE C 69 4.19 -7.00 -0.34
N GLY C 70 4.24 -5.68 -0.33
CA GLY C 70 3.14 -4.90 -0.86
C GLY C 70 2.85 -5.36 -2.28
N GLN C 71 3.90 -5.53 -3.07
CA GLN C 71 3.69 -5.88 -4.48
C GLN C 71 3.24 -7.29 -4.69
N ILE C 72 3.70 -8.24 -3.84
CA ILE C 72 3.29 -9.64 -3.94
C ILE C 72 1.84 -9.67 -3.55
N HIS C 73 1.52 -8.98 -2.44
CA HIS C 73 0.13 -8.80 -1.94
C HIS C 73 -0.80 -8.46 -3.11
N ASP C 74 -0.48 -7.39 -3.83
CA ASP C 74 -1.34 -6.98 -4.93
C ASP C 74 -1.41 -7.94 -6.15
N ALA C 75 -0.28 -8.56 -6.48
CA ALA C 75 -0.22 -9.49 -7.60
C ALA C 75 -1.15 -10.64 -7.33
N LEU C 76 -1.16 -11.13 -6.14
CA LEU C 76 -2.05 -12.15 -5.75
C LEU C 76 -3.51 -11.81 -5.82
N HIS C 77 -3.90 -10.62 -5.43
CA HIS C 77 -5.28 -10.19 -5.68
C HIS C 77 -5.64 -10.39 -7.18
N LEU C 78 -4.78 -10.06 -8.10
CA LEU C 78 -5.08 -10.22 -9.44
C LEU C 78 -5.26 -11.67 -9.76
N ALA C 79 -4.38 -12.50 -9.28
CA ALA C 79 -4.51 -13.92 -9.51
C ALA C 79 -5.85 -14.47 -9.03
N ASN C 80 -6.33 -13.99 -7.87
CA ASN C 80 -7.61 -14.45 -7.31
C ASN C 80 -8.78 -14.03 -8.19
N GLU C 81 -8.54 -13.01 -9.02
CA GLU C 81 -9.56 -12.48 -9.93
C GLU C 81 -9.50 -13.16 -11.30
N CYS C 82 -8.66 -14.19 -11.42
CA CYS C 82 -8.47 -14.98 -12.65
C CYS C 82 -7.86 -14.18 -13.80
N LYS C 83 -7.21 -13.08 -13.41
CA LYS C 83 -6.50 -12.20 -14.33
C LYS C 83 -5.07 -12.68 -14.45
N VAL C 84 -4.91 -13.83 -15.09
CA VAL C 84 -3.64 -14.55 -15.17
C VAL C 84 -2.49 -13.69 -15.70
N LYS C 85 -2.71 -13.09 -16.87
CA LYS C 85 -1.69 -12.26 -17.53
C LYS C 85 -1.33 -10.99 -16.76
N GLU C 86 -2.34 -10.30 -16.22
CA GLU C 86 -2.09 -9.13 -15.38
C GLU C 86 -1.26 -9.49 -14.15
N ALA C 87 -1.49 -10.67 -13.59
CA ALA C 87 -0.69 -11.10 -12.44
C ALA C 87 0.74 -11.41 -12.86
N GLN C 88 0.91 -12.00 -14.00
CA GLN C 88 2.21 -12.31 -14.51
C GLN C 88 3.03 -11.11 -14.76
N ALA C 89 2.40 -10.07 -15.23
CA ALA C 89 3.05 -8.78 -15.43
C ALA C 89 3.40 -8.10 -14.10
N ALA C 90 2.52 -8.21 -13.10
CA ALA C 90 2.84 -7.63 -11.79
C ALA C 90 4.08 -8.33 -11.30
N ALA C 91 4.18 -9.64 -11.53
CA ALA C 91 5.35 -10.40 -11.08
C ALA C 91 6.63 -9.92 -11.80
N GLU C 92 6.54 -9.71 -13.12
CA GLU C 92 7.67 -9.20 -13.89
C GLU C 92 8.13 -7.83 -13.39
N GLN C 93 7.18 -6.99 -13.04
CA GLN C 93 7.49 -5.66 -12.57
C GLN C 93 8.16 -5.67 -11.18
N LEU C 94 8.04 -6.76 -10.42
CA LEU C 94 8.74 -6.87 -9.14
C LEU C 94 10.22 -6.83 -9.34
N LYS C 95 10.68 -7.31 -10.46
CA LYS C 95 12.13 -7.42 -10.62
C LYS C 95 12.82 -6.09 -10.32
N THR C 96 12.17 -4.98 -10.70
CA THR C 96 12.62 -3.63 -10.38
C THR C 96 13.00 -3.49 -8.89
N THR C 97 12.19 -4.06 -7.99
CA THR C 97 12.46 -4.08 -6.55
C THR C 97 13.62 -5.01 -6.16
N CYS C 98 13.64 -6.22 -6.77
CA CYS C 98 14.73 -7.16 -6.55
C CYS C 98 16.04 -6.49 -6.89
N ASN C 99 16.12 -6.00 -8.12
CA ASN C 99 17.32 -5.35 -8.60
C ASN C 99 17.68 -4.16 -7.75
N ALA C 100 16.69 -3.43 -7.27
CA ALA C 100 17.01 -2.22 -6.52
C ALA C 100 17.73 -2.59 -5.27
N CYS C 101 17.32 -3.67 -4.64
CA CYS C 101 17.93 -4.02 -3.38
C CYS C 101 19.32 -4.61 -3.61
N HIS C 102 19.42 -5.45 -4.63
CA HIS C 102 20.66 -6.12 -4.96
C HIS C 102 21.79 -5.12 -5.28
N GLN C 103 21.48 -4.04 -5.99
CA GLN C 103 22.50 -3.08 -6.37
C GLN C 103 23.02 -2.30 -5.20
N LYS C 104 22.25 -2.24 -4.13
CA LYS C 104 22.67 -1.51 -2.97
C LYS C 104 23.31 -2.43 -1.92
N TYR C 105 22.76 -3.62 -1.74
CA TYR C 105 23.08 -4.43 -0.55
C TYR C 105 23.69 -5.80 -0.80
N ARG C 106 23.61 -6.29 -2.03
CA ARG C 106 24.19 -7.58 -2.38
C ARG C 106 25.69 -7.40 -2.67
N ALA D 1 -7.15 18.91 -14.77
CA ALA D 1 -6.67 19.06 -16.20
C ALA D 1 -6.89 17.79 -17.07
N ASP D 2 -6.60 17.91 -18.37
CA ASP D 2 -6.80 16.79 -19.30
C ASP D 2 -5.73 15.65 -19.13
N LEU D 3 -6.01 14.48 -19.70
CA LEU D 3 -5.08 13.33 -19.63
C LEU D 3 -3.62 13.57 -20.13
N GLU D 4 -3.47 14.02 -21.39
CA GLU D 4 -2.16 14.33 -21.96
C GLU D 4 -1.49 15.40 -21.11
N ASP D 5 -2.24 16.36 -20.61
CA ASP D 5 -1.71 17.38 -19.68
C ASP D 5 -1.05 16.76 -18.47
N ASN D 6 -1.78 15.87 -17.87
CA ASN D 6 -1.33 15.21 -16.67
C ASN D 6 -0.10 14.34 -16.88
N MET D 7 -0.13 13.58 -17.93
CA MET D 7 1.04 12.88 -18.38
C MET D 7 2.30 13.78 -18.52
N GLU D 8 2.17 14.98 -19.11
CA GLU D 8 3.32 15.94 -19.22
C GLU D 8 3.87 16.28 -17.85
N THR D 9 2.95 16.62 -16.94
CA THR D 9 3.30 16.95 -15.56
C THR D 9 4.06 15.75 -14.90
N LEU D 10 3.59 14.55 -15.18
CA LEU D 10 4.22 13.35 -14.67
C LEU D 10 5.64 13.24 -15.20
N ASN D 11 5.78 13.33 -16.50
CA ASN D 11 7.05 13.30 -17.18
C ASN D 11 8.02 14.44 -16.90
N ASP D 12 7.54 15.67 -16.89
CA ASP D 12 8.36 16.85 -16.55
C ASP D 12 8.94 16.74 -15.17
N ASN D 13 8.12 16.34 -14.22
CA ASN D 13 8.57 16.29 -12.85
C ASN D 13 9.50 15.10 -12.54
N LEU D 14 9.33 14.00 -13.28
CA LEU D 14 10.27 12.91 -13.23
C LEU D 14 11.68 13.46 -13.49
N LYS D 15 11.84 14.20 -14.58
CA LYS D 15 13.12 14.81 -14.89
C LYS D 15 13.61 15.78 -13.82
N VAL D 16 12.72 16.62 -13.30
CA VAL D 16 13.08 17.53 -12.23
C VAL D 16 13.69 16.73 -11.08
N ILE D 17 13.15 15.55 -10.82
CA ILE D 17 13.64 14.74 -9.73
C ILE D 17 15.00 14.13 -10.04
N GLU D 18 15.15 13.70 -11.28
CA GLU D 18 16.36 13.04 -11.70
C GLU D 18 17.52 13.97 -11.38
N LYS D 19 17.34 15.22 -11.67
CA LYS D 19 18.43 16.20 -11.63
C LYS D 19 18.49 17.02 -10.34
N ALA D 20 17.52 16.85 -9.44
CA ALA D 20 17.43 17.71 -8.26
C ALA D 20 18.65 17.59 -7.32
N ASP D 21 18.89 18.66 -6.55
CA ASP D 21 19.99 18.69 -5.57
C ASP D 21 19.59 18.23 -4.18
N ASN D 22 18.48 18.77 -3.70
CA ASN D 22 18.11 18.71 -2.29
C ASN D 22 16.66 18.30 -2.06
N ALA D 23 16.39 17.85 -0.84
CA ALA D 23 15.08 17.38 -0.44
C ALA D 23 13.92 18.24 -0.97
N ALA D 24 14.03 19.55 -0.76
CA ALA D 24 12.91 20.45 -1.06
C ALA D 24 12.38 20.37 -2.50
N GLN D 25 13.27 20.25 -3.43
CA GLN D 25 12.90 20.18 -4.81
C GLN D 25 12.24 18.88 -5.22
N VAL D 26 12.72 17.81 -4.63
CA VAL D 26 12.14 16.50 -4.82
C VAL D 26 10.72 16.46 -4.25
N LYS D 27 10.52 17.05 -3.07
CA LYS D 27 9.18 17.06 -2.45
C LYS D 27 8.16 17.71 -3.38
N ASP D 28 8.60 18.78 -4.01
CA ASP D 28 7.74 19.59 -4.82
C ASP D 28 7.25 18.86 -6.06
N ALA D 29 8.18 18.20 -6.73
CA ALA D 29 7.90 17.51 -8.00
C ALA D 29 6.96 16.34 -7.77
N LEU D 30 7.20 15.61 -6.69
CA LEU D 30 6.36 14.49 -6.27
C LEU D 30 4.96 14.95 -5.95
N THR D 31 4.86 16.03 -5.17
CA THR D 31 3.58 16.69 -4.87
C THR D 31 2.84 16.99 -6.17
N LYS D 32 3.54 17.52 -7.15
CA LYS D 32 2.91 17.87 -8.42
C LYS D 32 2.45 16.65 -9.19
N MET D 33 3.28 15.62 -9.16
CA MET D 33 3.02 14.32 -9.73
C MET D 33 1.86 13.63 -9.05
N ALA D 34 1.74 13.76 -7.74
CA ALA D 34 0.61 13.20 -6.98
C ALA D 34 -0.73 13.76 -7.48
N ALA D 35 -0.82 15.09 -7.50
CA ALA D 35 -1.99 15.82 -7.96
C ALA D 35 -2.32 15.41 -9.40
N ALA D 36 -1.31 15.28 -10.24
CA ALA D 36 -1.53 14.89 -11.62
C ALA D 36 -2.12 13.50 -11.72
N ALA D 37 -1.56 12.54 -10.97
CA ALA D 37 -2.11 11.18 -10.97
C ALA D 37 -3.52 11.13 -10.44
N ALA D 38 -3.81 11.87 -9.36
CA ALA D 38 -5.16 11.89 -8.80
C ALA D 38 -6.16 12.45 -9.83
N ASP D 39 -5.79 13.55 -10.49
CA ASP D 39 -6.70 14.16 -11.48
C ASP D 39 -6.88 13.24 -12.70
N ALA D 40 -5.86 12.40 -12.97
CA ALA D 40 -5.89 11.51 -14.13
C ALA D 40 -6.92 10.41 -13.93
N TRP D 41 -7.42 10.25 -12.74
CA TRP D 41 -8.17 9.08 -12.39
C TRP D 41 -9.41 8.93 -13.22
N SER D 42 -10.09 10.01 -13.38
CA SER D 42 -11.40 10.04 -14.00
C SER D 42 -11.36 9.93 -15.53
N ALA D 43 -10.16 9.90 -16.09
CA ALA D 43 -9.99 10.04 -17.54
C ALA D 43 -10.28 8.76 -18.31
N THR D 44 -10.77 8.92 -19.53
CA THR D 44 -10.96 7.80 -20.45
C THR D 44 -9.92 7.87 -21.60
N PRO D 45 -9.06 6.84 -21.73
CA PRO D 45 -8.00 6.86 -22.73
C PRO D 45 -8.55 6.50 -24.09
N PRO D 46 -8.07 7.19 -25.14
CA PRO D 46 -8.59 7.01 -26.51
C PRO D 46 -8.88 5.56 -26.87
N LYS D 47 -7.91 4.69 -26.64
CA LYS D 47 -8.03 3.27 -26.99
C LYS D 47 -9.29 2.59 -26.42
N LEU D 48 -9.85 3.17 -25.36
CA LEU D 48 -11.09 2.66 -24.75
C LEU D 48 -12.21 3.70 -24.79
N GLU D 49 -12.24 4.40 -25.89
CA GLU D 49 -13.31 5.22 -26.18
C GLU D 49 -14.43 4.22 -26.29
N ASP D 50 -14.20 3.01 -26.78
CA ASP D 50 -15.28 2.03 -26.95
C ASP D 50 -16.01 1.56 -25.68
N LYS D 51 -15.28 1.36 -24.59
CA LYS D 51 -15.90 0.80 -23.36
C LYS D 51 -16.50 1.72 -22.23
N SER D 52 -17.71 1.39 -21.72
CA SER D 52 -18.32 2.08 -20.58
C SER D 52 -17.34 2.13 -19.42
N PRO D 53 -17.61 2.98 -18.42
CA PRO D 53 -16.76 3.07 -17.22
C PRO D 53 -16.91 1.88 -16.26
N ASP D 54 -17.09 0.65 -16.88
CA ASP D 54 -17.28 -0.58 -16.09
C ASP D 54 -16.64 -1.78 -16.74
N SER D 55 -16.11 -1.58 -17.90
CA SER D 55 -15.35 -2.59 -18.54
C SER D 55 -14.20 -3.12 -17.69
N PRO D 56 -13.95 -4.39 -17.68
CA PRO D 56 -12.80 -4.97 -16.97
C PRO D 56 -11.50 -4.24 -17.35
N GLU D 57 -11.60 -3.42 -18.45
CA GLU D 57 -10.56 -2.52 -19.19
C GLU D 57 -10.47 -1.12 -18.62
N MET D 58 -11.61 -0.54 -18.20
CA MET D 58 -11.56 0.65 -17.36
C MET D 58 -11.20 0.38 -15.95
N HIS D 59 -11.70 -0.66 -15.37
CA HIS D 59 -11.25 -0.97 -14.09
C HIS D 59 -9.81 -1.26 -14.11
N ASP D 60 -9.28 -2.05 -15.02
CA ASP D 60 -7.83 -2.24 -15.11
C ASP D 60 -7.07 -1.02 -15.44
N PHE D 61 -7.68 -0.13 -16.16
CA PHE D 61 -7.04 1.13 -16.47
C PHE D 61 -6.84 2.00 -15.27
N ARG D 62 -7.85 2.08 -14.47
CA ARG D 62 -7.73 2.79 -13.25
C ARG D 62 -6.81 2.16 -12.22
N HIS D 63 -6.66 0.86 -12.24
CA HIS D 63 -5.83 0.15 -11.29
C HIS D 63 -4.38 0.58 -11.34
N GLY D 64 -3.89 0.81 -12.55
CA GLY D 64 -2.55 1.29 -12.77
C GLY D 64 -2.29 2.60 -12.04
N PHE D 65 -3.33 3.41 -11.88
CA PHE D 65 -3.16 4.69 -11.18
C PHE D 65 -3.09 4.56 -9.66
N TRP D 66 -3.78 3.58 -9.09
CA TRP D 66 -3.63 3.29 -7.69
C TRP D 66 -2.17 2.87 -7.43
N ILE D 67 -1.63 2.04 -8.32
CA ILE D 67 -0.27 1.64 -8.13
C ILE D 67 0.63 2.88 -8.12
N LEU D 68 0.50 3.74 -9.08
CA LEU D 68 1.33 4.86 -9.14
C LEU D 68 1.17 5.81 -8.00
N ILE D 69 -0.02 6.12 -7.62
CA ILE D 69 -0.29 6.97 -6.44
C ILE D 69 0.34 6.38 -5.18
N GLY D 70 0.25 5.06 -5.00
CA GLY D 70 0.84 4.47 -3.82
C GLY D 70 2.36 4.74 -3.87
N GLN D 71 2.92 4.58 -5.06
CA GLN D 71 4.35 4.66 -5.19
C GLN D 71 4.82 6.10 -5.03
N ILE D 72 4.05 7.09 -5.51
CA ILE D 72 4.37 8.51 -5.30
C ILE D 72 4.28 8.81 -3.81
N HIS D 73 3.18 8.37 -3.19
CA HIS D 73 2.96 8.44 -1.72
C HIS D 73 4.22 8.02 -0.96
N ASP D 74 4.79 6.87 -1.31
CA ASP D 74 5.96 6.37 -0.59
C ASP D 74 7.28 7.10 -0.89
N ALA D 75 7.46 7.53 -2.13
CA ALA D 75 8.65 8.26 -2.51
C ALA D 75 8.70 9.53 -1.68
N LEU D 76 7.60 10.19 -1.57
CA LEU D 76 7.52 11.37 -0.84
C LEU D 76 7.84 11.21 0.64
N HIS D 77 7.42 10.16 1.29
CA HIS D 77 7.84 9.94 2.67
C HIS D 77 9.37 9.95 2.68
N LEU D 78 9.99 9.41 1.64
CA LEU D 78 11.45 9.27 1.63
C LEU D 78 12.06 10.65 1.62
N ALA D 79 11.53 11.48 0.74
CA ALA D 79 11.93 12.88 0.64
C ALA D 79 11.76 13.64 1.97
N ASN D 80 10.64 13.45 2.67
CA ASN D 80 10.42 14.11 3.97
C ASN D 80 11.46 13.71 5.02
N GLU D 81 12.09 12.57 4.82
CA GLU D 81 13.11 12.08 5.72
C GLU D 81 14.54 12.52 5.32
N CYS D 82 14.56 13.33 4.25
CA CYS D 82 15.72 13.90 3.69
C CYS D 82 16.51 12.87 2.86
N LYS D 83 15.95 11.68 2.66
CA LYS D 83 16.74 10.64 1.95
C LYS D 83 16.67 10.85 0.46
N VAL D 84 17.37 11.91 0.04
CA VAL D 84 17.28 12.43 -1.32
C VAL D 84 17.49 11.35 -2.38
N LYS D 85 18.54 10.57 -2.24
CA LYS D 85 18.89 9.57 -3.25
C LYS D 85 17.91 8.43 -3.26
N GLU D 86 17.48 8.01 -2.10
CA GLU D 86 16.49 6.97 -1.97
C GLU D 86 15.21 7.34 -2.61
N ALA D 87 14.86 8.61 -2.51
CA ALA D 87 13.67 9.12 -3.16
C ALA D 87 13.82 9.18 -4.68
N GLN D 88 14.97 9.57 -5.15
CA GLN D 88 15.19 9.85 -6.55
C GLN D 88 15.03 8.58 -7.23
N ALA D 89 15.21 7.55 -6.46
CA ALA D 89 15.33 6.27 -7.05
C ALA D 89 14.02 5.59 -7.01
N ALA D 90 13.24 5.91 -6.02
CA ALA D 90 11.93 5.40 -5.96
C ALA D 90 11.30 5.96 -7.17
N ALA D 91 11.69 7.16 -7.46
CA ALA D 91 11.16 7.84 -8.59
C ALA D 91 11.49 7.21 -9.88
N GLU D 92 12.67 6.69 -10.01
CA GLU D 92 13.08 5.95 -11.16
C GLU D 92 12.38 4.64 -11.34
N GLN D 93 12.19 3.94 -10.16
CA GLN D 93 11.45 2.73 -10.25
C GLN D 93 9.98 2.85 -10.63
N LEU D 94 9.46 4.08 -10.61
CA LEU D 94 8.09 4.32 -10.98
C LEU D 94 7.92 3.89 -12.42
N LYS D 95 8.86 4.07 -13.34
CA LYS D 95 8.70 4.10 -14.72
C LYS D 95 8.21 2.78 -15.12
N THR D 96 8.43 1.81 -14.27
CA THR D 96 7.96 0.47 -14.51
C THR D 96 6.48 0.47 -14.59
N THR D 97 5.84 1.22 -13.72
CA THR D 97 4.40 1.44 -13.77
C THR D 97 3.93 2.27 -15.00
N CYS D 98 4.68 3.31 -15.34
CA CYS D 98 4.36 4.12 -16.49
C CYS D 98 4.35 3.19 -17.67
N ASN D 99 5.41 2.47 -17.86
CA ASN D 99 5.58 1.60 -18.98
C ASN D 99 4.59 0.56 -19.02
N ALA D 100 4.21 0.07 -17.90
CA ALA D 100 3.27 -1.02 -17.89
C ALA D 100 1.95 -0.56 -18.45
N CYS D 101 1.50 0.62 -18.03
CA CYS D 101 0.21 1.09 -18.50
C CYS D 101 0.26 1.44 -20.00
N HIS D 102 1.30 2.17 -20.40
CA HIS D 102 1.50 2.57 -21.78
C HIS D 102 1.46 1.37 -22.74
N GLN D 103 2.07 0.27 -22.38
CA GLN D 103 2.12 -0.89 -23.22
C GLN D 103 0.79 -1.49 -23.47
N LYS D 104 -0.14 -1.22 -22.60
CA LYS D 104 -1.45 -1.84 -22.65
C LYS D 104 -2.47 -0.89 -23.28
N TYR D 105 -2.36 0.39 -22.94
CA TYR D 105 -3.47 1.30 -23.12
C TYR D 105 -3.18 2.52 -23.99
N ARG D 106 -1.94 2.86 -24.19
CA ARG D 106 -1.51 3.97 -25.04
C ARG D 106 -1.38 3.63 -26.55
CHA HEM E . -17.00 16.53 5.79
CHB HEM E . -17.96 11.95 5.02
CHC HEM E . -13.25 10.91 4.74
CHD HEM E . -12.32 15.52 5.30
C1A HEM E . -17.67 15.36 5.63
C2A HEM E . -19.10 15.27 5.67
C3A HEM E . -19.39 13.98 5.46
C4A HEM E . -18.12 13.26 5.27
CMA HEM E . -20.80 13.37 5.44
CAA HEM E . -20.05 16.48 5.94
CBA HEM E . -20.32 17.30 4.67
CGA HEM E . -20.82 18.72 4.90
O1A HEM E . -21.94 19.06 4.43
O2A HEM E . -20.09 19.55 5.52
C1B HEM E . -16.76 11.29 4.91
C2B HEM E . -16.62 9.86 4.81
C3B HEM E . -15.31 9.56 4.74
C4B HEM E . -14.60 10.81 4.80
CMB HEM E . -17.83 8.91 4.80
CAB HEM E . -14.61 8.19 4.63
CBB HEM E . -15.16 7.25 3.85
C1C HEM E . -12.57 12.09 4.88
C2C HEM E . -11.13 12.26 4.91
C3C HEM E . -10.89 13.56 5.05
C4C HEM E . -12.17 14.20 5.14
CMC HEM E . -10.10 11.12 4.77
CAC HEM E . -9.55 14.31 5.17
CBC HEM E . -8.41 13.71 4.77
C1D HEM E . -13.48 16.18 5.48
C2D HEM E . -13.53 17.57 5.73
C3D HEM E . -15.00 17.89 5.87
C4D HEM E . -15.66 16.65 5.71
CMD HEM E . -12.38 18.57 5.80
CAD HEM E . -15.60 19.29 6.14
CBD HEM E . -15.73 20.03 4.81
CGD HEM E . -16.85 21.01 4.98
O1D HEM E . -16.88 22.01 4.20
O2D HEM E . -17.72 20.79 5.88
NA HEM E . -17.08 14.15 5.38
NB HEM E . -15.49 11.85 4.92
NC HEM E . -13.21 13.31 5.01
ND HEM E . -14.74 15.63 5.49
FE HEM E . -15.10 13.72 5.23
OAA ME7 F . -17.74 -15.96 -9.13
OAB ME7 F . -14.53 -14.02 -11.30
OAC ME7 F . -14.48 -17.79 -9.08
OAD ME7 F . -13.31 -16.32 -13.10
CAE ME7 F . -16.50 -14.11 -8.37
CAF ME7 F . -15.39 -13.45 -9.15
CAG ME7 F . -12.47 -16.89 -9.73
CAH ME7 F . -12.01 -16.40 -11.10
CAI ME7 F . -16.34 -16.14 -11.56
CAJ ME7 F . -15.58 -17.47 -11.70
CAK ME7 F . -16.87 -15.17 -9.35
CAL ME7 F . -15.30 -14.26 -10.41
CAM ME7 F . -13.88 -17.33 -10.03
CAN ME7 F . -13.18 -16.68 -12.00
NAO ME7 F . -16.17 -15.22 -10.43
NAP ME7 F . -14.24 -17.17 -11.32
ZN ZN G . -4.44 -3.67 -6.79
CU CU H . -14.02 18.11 -8.18
CU CU I . -21.29 20.87 -6.25
CU CU J . -23.48 19.79 -4.14
CU CU K . -21.68 21.70 -3.86
ZN ZN L . -26.64 12.04 -0.48
CHA HEM M . -4.25 -13.53 19.82
CHB HEM M . -3.28 -8.82 20.11
CHC HEM M . -3.36 -8.36 15.26
CHD HEM M . -4.95 -12.84 14.96
C1A HEM M . -3.98 -12.32 20.40
C2A HEM M . -3.87 -11.97 21.83
C3A HEM M . -3.62 -10.63 21.87
C4A HEM M . -3.54 -10.12 20.50
CMA HEM M . -3.41 -9.81 23.16
CAA HEM M . -3.99 -12.79 23.17
CBA HEM M . -4.44 -14.27 23.27
CGA HEM M . -4.72 -14.69 24.73
O1A HEM M . -5.00 -15.90 25.01
O2A HEM M . -4.67 -13.85 25.67
C1B HEM M . -3.18 -8.30 18.81
C2B HEM M . -2.84 -6.94 18.43
C3B HEM M . -2.87 -6.83 17.11
C4B HEM M . -3.25 -8.12 16.60
CMB HEM M . -2.52 -5.78 19.38
CAB HEM M . -2.62 -5.60 16.19
CBB HEM M . -1.65 -4.73 16.44
C1C HEM M . -3.83 -9.53 14.75
C2C HEM M . -4.09 -9.77 13.36
C3C HEM M . -4.53 -11.01 13.25
C4C HEM M . -4.57 -11.57 14.59
CMC HEM M . -3.86 -8.73 12.24
CAC HEM M . -4.93 -11.72 11.95
CBC HEM M . -4.22 -11.72 10.81
C1D HEM M . -4.92 -13.45 16.21
C2D HEM M . -5.37 -14.78 16.49
C3D HEM M . -5.16 -14.99 17.99
C4D HEM M . -4.61 -13.75 18.49
CMD HEM M . -5.96 -15.85 15.53
CAD HEM M . -5.49 -16.29 18.76
CBD HEM M . -4.21 -16.97 19.20
CGD HEM M . -4.36 -17.70 20.54
O1D HEM M . -4.92 -17.16 21.56
O2D HEM M . -3.88 -18.87 20.59
NA HEM M . -3.78 -11.17 19.63
NB HEM M . -3.42 -9.00 17.64
NC HEM M . -4.13 -10.65 15.49
ND HEM M . -4.48 -12.86 17.39
FE HEM M . -3.97 -10.91 17.48
OAA ME7 N . 17.81 14.03 9.77
OAB ME7 N . 14.55 16.70 8.57
OAC ME7 N . 14.53 12.99 12.41
OAD ME7 N . 14.06 17.39 11.83
CAE ME7 N . 16.63 13.98 7.77
CAF ME7 N . 15.51 14.86 7.30
CAG ME7 N . 12.56 14.30 12.53
CAH ME7 N . 12.43 15.79 12.29
CAI ME7 N . 16.12 16.34 10.62
CAJ ME7 N . 16.05 15.44 11.84
CAK ME7 N . 16.94 14.52 9.11
CAL ME7 N . 15.33 15.78 8.48
CAM ME7 N . 13.99 14.05 12.22
CAN ME7 N . 13.81 16.23 12.05
NAO ME7 N . 16.16 15.54 9.43
NAP ME7 N . 14.64 15.22 12.08
ZN ZN O . 8.02 3.30 2.53
ZN ZN P . -5.53 -6.90 -0.09
CHA HEM Q . 20.50 -12.66 -3.20
CHB HEM Q . 16.86 -13.00 -6.18
CHC HEM Q . 14.59 -9.51 -3.81
CHD HEM Q . 18.42 -8.80 -1.02
C1A HEM Q . 19.72 -13.09 -4.21
C2A HEM Q . 20.01 -14.20 -5.08
C3A HEM Q . 18.99 -14.32 -5.90
C4A HEM Q . 18.04 -13.26 -5.58
CMA HEM Q . 18.84 -15.38 -7.01
CAA HEM Q . 21.29 -15.08 -4.92
CBA HEM Q . 22.26 -15.26 -6.11
CGA HEM Q . 23.04 -16.50 -5.74
O1A HEM Q . 24.01 -16.94 -6.47
O2A HEM Q . 22.68 -17.06 -4.65
C1B HEM Q . 15.92 -12.07 -5.77
C2B HEM Q . 14.63 -11.87 -6.41
C3B HEM Q . 13.99 -10.89 -5.77
C4B HEM Q . 14.88 -10.46 -4.71
CMB HEM Q . 14.16 -12.68 -7.64
CAB HEM Q . 12.57 -10.26 -6.04
CBB HEM Q . 11.56 -10.95 -6.60
C1C HEM Q . 15.47 -9.00 -2.90
C2C HEM Q . 15.19 -7.81 -2.13
C3C HEM Q . 16.22 -7.57 -1.35
C4C HEM Q . 17.20 -8.64 -1.60
CMC HEM Q . 13.90 -7.01 -2.28
CAC HEM Q . 16.35 -6.37 -0.38
CBC HEM Q . 15.27 -5.65 -0.05
C1D HEM Q . 19.29 -9.80 -1.35
C2D HEM Q . 20.57 -10.00 -0.73
C3D HEM Q . 21.20 -11.20 -1.38
C4D HEM Q . 20.25 -11.60 -2.38
CMD HEM Q . 21.18 -9.19 0.41
CAD HEM Q . 22.57 -11.85 -1.11
CBD HEM Q . 22.71 -12.50 0.25
CGD HEM Q . 23.94 -13.39 0.23
O1D HEM Q . 24.45 -13.61 1.34
O2D HEM Q . 24.37 -13.89 -0.85
NA HEM Q . 18.51 -12.52 -4.52
NB HEM Q . 16.05 -11.17 -4.73
NC HEM Q . 16.70 -9.51 -2.56
ND HEM Q . 19.13 -10.77 -2.35
FE HEM Q . 17.58 -10.96 -3.51
CU CU R . 19.68 -23.99 1.75
CU CU S . 18.45 -23.54 4.69
CU CU T . 21.09 -22.52 3.37
CU CU U . 13.95 -18.30 8.00
ZN ZN V . 1.87 7.63 4.33
CHA HEM W . 0.40 9.20 -22.47
CHB HEM W . 4.15 9.66 -19.45
CHC HEM W . 1.98 6.91 -16.14
CHD HEM W . -1.44 5.88 -19.33
C1A HEM W . 1.64 9.57 -21.99
C2A HEM W . 2.67 10.33 -22.69
C3A HEM W . 3.70 10.42 -21.83
C4A HEM W . 3.36 9.75 -20.57
CMA HEM W . 5.05 11.15 -22.07
CAA HEM W . 2.61 10.93 -24.15
CBA HEM W . 2.14 12.40 -24.22
CGA HEM W . 2.74 13.31 -25.32
O1A HEM W . 2.46 14.56 -25.31
O2A HEM W . 3.49 12.82 -26.23
C1B HEM W . 3.87 8.97 -18.29
C2B HEM W . 4.72 8.86 -17.11
C3B HEM W . 4.12 8.12 -16.20
C4B HEM W . 2.88 7.70 -16.77
CMB HEM W . 6.09 9.52 -16.94
CAB HEM W . 4.66 7.71 -14.80
CBB HEM W . 5.06 8.59 -13.89
C1C HEM W . 0.87 6.36 -16.73
C2C HEM W . 0.01 5.38 -16.10
C3C HEM W . -0.96 5.10 -16.99
C4C HEM W . -0.69 5.90 -18.18
CMC HEM W . 0.19 4.85 -14.66
CAC HEM W . -2.17 4.13 -16.86
CBC HEM W . -2.55 3.52 -15.73
C1D HEM W . -1.25 6.68 -20.43
C2D HEM W . -2.10 6.61 -21.58
C3D HEM W . -1.55 7.62 -22.57
C4D HEM W . -0.40 8.22 -21.91
CMD HEM W . -3.32 5.67 -21.74
CAD HEM W . -2.09 7.96 -23.95
CBD HEM W . -3.55 8.39 -23.91
CGD HEM W . -3.76 9.64 -24.75
O1D HEM W . -4.68 10.43 -24.37
O2D HEM W . -3.03 9.84 -25.77
NA HEM W . 2.09 9.23 -20.72
NB HEM W . 2.73 8.23 -18.04
NC HEM W . 0.44 6.66 -18.00
ND HEM W . -0.25 7.63 -20.64
FE HEM W . 1.24 7.89 -19.33
#